data_1NEM
#
_entry.id   1NEM
#
_cell.length_a   1.000
_cell.length_b   1.000
_cell.length_c   1.000
_cell.angle_alpha   90.00
_cell.angle_beta   90.00
_cell.angle_gamma   90.00
#
_symmetry.space_group_name_H-M   'P 1'
#
loop_
_entity.id
_entity.type
_entity.pdbx_description
1 polymer "5'-R(*GP*GP*AP*CP*UP*GP*GP*GP*CP*GP*AP*GP*AP*AP*GP*UP*UP*UP*AP*GP*UP*CP*C)-3'"
2 branched 2,6-diamino-2,6-dideoxy-beta-L-idopyranose-(1-3)-beta-D-ribofuranose
3 non-polymer 2,6-diamino-2,6-dideoxy-alpha-D-glucopyranose
4 non-polymer 2-DEOXY-D-STREPTAMINE
#
_entity_poly.entity_id   1
_entity_poly.type   'polyribonucleotide'
_entity_poly.pdbx_seq_one_letter_code
;GGACUGGGCGAGAAGUUUAGUCC
;
_entity_poly.pdbx_strand_id   A
#